data_4QR9
#
_entry.id   4QR9
#
_cell.length_a   42.751
_cell.length_b   84.170
_cell.length_c   94.227
_cell.angle_alpha   90.00
_cell.angle_beta   90.00
_cell.angle_gamma   90.00
#
_symmetry.space_group_name_H-M   'P 21 21 21'
#
loop_
_entity.id
_entity.type
_entity.pdbx_description
1 polymer 'High mobility group protein B1'
2 polymer "DNA (5'-D(*AP*TP*AP*TP*CP*GP*AP*TP*AP*T)-3')"
3 non-polymer 'MAGNESIUM ION'
4 water water
#
loop_
_entity_poly.entity_id
_entity_poly.type
_entity_poly.pdbx_seq_one_letter_code
_entity_poly.pdbx_strand_id
1 'polypeptide(L)' GSKPRGKMSSYAFFVQTCREEHKKKHPDASVNFSEFSKKCSERWKTMSAKEKGKFEDMAKADKARYEREMKTYIPP A,B
2 'polydeoxyribonucleotide' (DA)(DT)(DA)(DT)(DC)(DG)(DA)(DT)(DA)(DT) C,D,E,F
#
loop_
_chem_comp.id
_chem_comp.type
_chem_comp.name
_chem_comp.formula
DA DNA linking 2'-DEOXYADENOSINE-5'-MONOPHOSPHATE 'C10 H14 N5 O6 P'
DC DNA linking 2'-DEOXYCYTIDINE-5'-MONOPHOSPHATE 'C9 H14 N3 O7 P'
DG DNA linking 2'-DEOXYGUANOSINE-5'-MONOPHOSPHATE 'C10 H14 N5 O7 P'
DT DNA linking THYMIDINE-5'-MONOPHOSPHATE 'C10 H15 N2 O8 P'
MG non-polymer 'MAGNESIUM ION' 'Mg 2'
#
# COMPACT_ATOMS: atom_id res chain seq x y z
N GLY A 1 17.37 -5.06 16.26
CA GLY A 1 16.64 -4.00 15.56
C GLY A 1 15.62 -4.58 14.58
N SER A 2 14.95 -3.66 13.93
CA SER A 2 13.91 -4.02 13.00
C SER A 2 14.40 -3.57 11.64
N LYS A 3 13.79 -4.12 10.61
CA LYS A 3 14.12 -3.76 9.27
C LYS A 3 13.76 -2.32 9.02
N PRO A 4 14.77 -1.49 8.64
CA PRO A 4 14.51 -0.10 8.33
C PRO A 4 13.39 0.02 7.26
N ARG A 5 12.57 1.07 7.35
CA ARG A 5 11.64 1.45 6.29
C ARG A 5 12.40 1.66 5.00
N GLY A 6 11.75 1.29 3.89
CA GLY A 6 12.27 1.53 2.57
C GLY A 6 12.48 3.00 2.32
N LYS A 7 13.28 3.27 1.31
CA LYS A 7 13.57 4.62 0.87
C LYS A 7 12.35 5.31 0.29
N MET A 8 12.12 6.52 0.73
CA MET A 8 11.04 7.30 0.16
C MET A 8 11.63 8.09 -1.01
N SER A 9 11.07 7.86 -2.19
CA SER A 9 11.54 8.58 -3.36
C SER A 9 11.07 10.05 -3.39
N SER A 10 11.63 10.79 -4.34
CA SER A 10 11.26 12.18 -4.48
C SER A 10 9.75 12.26 -4.82
N TYR A 11 9.27 11.34 -5.64
CA TYR A 11 7.85 11.31 -5.94
C TYR A 11 7.01 11.02 -4.69
N ALA A 12 7.43 10.08 -3.85
CA ALA A 12 6.66 9.76 -2.65
C ALA A 12 6.48 11.04 -1.79
N PHE A 13 7.54 11.83 -1.62
CA PHE A 13 7.41 13.13 -0.92
C PHE A 13 6.49 14.06 -1.66
N PHE A 14 6.59 14.06 -2.99
CA PHE A 14 5.72 14.90 -3.73
C PHE A 14 4.25 14.53 -3.57
N VAL A 15 3.98 13.21 -3.47
CA VAL A 15 2.58 12.81 -3.34
C VAL A 15 2.00 13.35 -2.06
N GLN A 16 2.79 13.39 -1.01
CA GLN A 16 2.31 13.98 0.24
C GLN A 16 1.91 15.43 0.09
N THR A 17 2.70 16.20 -0.62
CA THR A 17 2.32 17.57 -0.95
C THR A 17 1.08 17.66 -1.82
N CYS A 18 0.94 16.81 -2.82
CA CYS A 18 -0.35 16.77 -3.53
C CYS A 18 -1.53 16.58 -2.59
N ARG A 19 -1.38 15.72 -1.58
CA ARG A 19 -2.48 15.43 -0.70
C ARG A 19 -2.80 16.69 0.14
N GLU A 20 -1.77 17.40 0.60
CA GLU A 20 -1.94 18.73 1.26
C GLU A 20 -2.74 19.69 0.43
N GLU A 21 -2.34 19.85 -0.82
CA GLU A 21 -3.04 20.73 -1.77
C GLU A 21 -4.46 20.30 -1.89
N HIS A 22 -4.64 18.99 -2.10
CA HIS A 22 -5.98 18.47 -2.28
C HIS A 22 -6.86 18.73 -1.05
N LYS A 23 -6.32 18.58 0.14
CA LYS A 23 -7.09 18.87 1.35
C LYS A 23 -7.56 20.30 1.47
N LYS A 24 -6.72 21.23 1.06
CA LYS A 24 -7.08 22.65 1.07
C LYS A 24 -8.15 22.93 0.05
N LYS A 25 -7.99 22.44 -1.16
CA LYS A 25 -9.04 22.59 -2.17
C LYS A 25 -10.35 21.85 -1.90
N HIS A 26 -10.30 20.73 -1.17
CA HIS A 26 -11.48 19.90 -0.91
C HIS A 26 -11.41 19.34 0.49
N PRO A 27 -11.52 20.23 1.47
CA PRO A 27 -11.38 19.80 2.87
C PRO A 27 -12.32 18.69 3.31
N ASP A 28 -13.50 18.59 2.69
CA ASP A 28 -14.45 17.56 3.12
C ASP A 28 -14.07 16.15 2.65
N ALA A 29 -13.67 16.06 1.37
CA ALA A 29 -13.79 14.87 0.53
C ALA A 29 -12.97 13.64 0.94
N SER A 30 -13.50 12.45 0.71
CA SER A 30 -12.67 11.28 0.74
C SER A 30 -11.75 11.31 -0.54
N VAL A 31 -10.57 10.73 -0.41
CA VAL A 31 -9.64 10.64 -1.54
C VAL A 31 -10.12 9.53 -2.51
N ASN A 32 -10.24 9.83 -3.79
CA ASN A 32 -10.44 8.76 -4.84
C ASN A 32 -9.02 8.33 -5.22
N PHE A 33 -8.56 7.19 -4.70
CA PHE A 33 -7.16 6.83 -4.82
C PHE A 33 -6.71 6.72 -6.27
N SER A 34 -7.53 6.07 -7.09
CA SER A 34 -7.19 5.91 -8.49
C SER A 34 -7.07 7.27 -9.25
N GLU A 35 -8.07 8.13 -9.13
CA GLU A 35 -7.98 9.45 -9.73
C GLU A 35 -6.85 10.33 -9.12
N PHE A 36 -6.65 10.24 -7.82
CA PHE A 36 -5.64 11.03 -7.13
C PHE A 36 -4.26 10.69 -7.65
N SER A 37 -3.99 9.41 -7.78
CA SER A 37 -2.70 8.95 -8.27
C SER A 37 -2.45 9.49 -9.69
N LYS A 38 -3.47 9.35 -10.56
CA LYS A 38 -3.34 9.82 -11.93
C LYS A 38 -3.08 11.30 -12.01
N LYS A 39 -3.82 12.11 -11.23
CA LYS A 39 -3.61 13.55 -11.14
C LYS A 39 -2.24 13.96 -10.62
N CYS A 40 -1.77 13.31 -9.57
N CYS A 40 -1.76 13.32 -9.55
CA CYS A 40 -0.44 13.67 -9.04
CA CYS A 40 -0.42 13.67 -9.00
C CYS A 40 0.62 13.36 -10.08
C CYS A 40 0.64 13.34 -10.05
N SER A 41 0.52 12.19 -10.70
CA SER A 41 1.48 11.75 -11.68
C SER A 41 1.49 12.68 -12.93
N GLU A 42 0.32 13.09 -13.43
CA GLU A 42 0.24 14.09 -14.51
C GLU A 42 0.90 15.44 -14.09
N ARG A 43 0.65 15.91 -12.87
CA ARG A 43 1.27 17.16 -12.35
C ARG A 43 2.80 17.02 -12.28
N TRP A 44 3.28 15.92 -11.70
CA TRP A 44 4.76 15.66 -11.61
C TRP A 44 5.42 15.64 -12.98
N LYS A 45 4.77 15.03 -13.99
CA LYS A 45 5.33 14.99 -15.36
C LYS A 45 5.65 16.38 -15.95
N THR A 46 4.91 17.39 -15.52
CA THR A 46 5.04 18.71 -16.10
C THR A 46 5.86 19.62 -15.21
N MET A 47 6.27 19.16 -14.04
CA MET A 47 7.09 20.02 -13.21
C MET A 47 8.51 20.25 -13.74
N SER A 48 9.07 21.43 -13.49
CA SER A 48 10.46 21.76 -13.86
C SER A 48 11.42 21.21 -12.79
N ALA A 49 12.69 21.09 -13.16
CA ALA A 49 13.72 20.62 -12.23
C ALA A 49 13.80 21.49 -10.98
N LYS A 50 13.55 22.79 -11.11
CA LYS A 50 13.60 23.67 -9.96
C LYS A 50 12.54 23.30 -8.91
N GLU A 51 11.29 23.20 -9.37
CA GLU A 51 10.18 22.81 -8.50
C GLU A 51 10.38 21.39 -7.87
N LYS A 52 10.91 20.49 -8.69
CA LYS A 52 11.31 19.11 -8.27
C LYS A 52 12.39 19.05 -7.22
N GLY A 53 13.21 20.11 -7.13
CA GLY A 53 14.48 20.00 -6.45
C GLY A 53 14.36 19.80 -4.96
N LYS A 54 13.37 20.44 -4.40
CA LYS A 54 13.12 20.32 -3.02
C LYS A 54 12.73 18.87 -2.63
N PHE A 55 12.04 18.18 -3.55
CA PHE A 55 11.64 16.78 -3.34
C PHE A 55 12.80 15.87 -3.52
N GLU A 56 13.67 16.21 -4.46
CA GLU A 56 14.91 15.47 -4.60
C GLU A 56 15.82 15.57 -3.38
N ASP A 57 15.83 16.73 -2.75
CA ASP A 57 16.64 16.93 -1.54
C ASP A 57 16.04 16.15 -0.36
N MET A 58 14.72 16.10 -0.27
CA MET A 58 14.12 15.21 0.76
C MET A 58 14.53 13.74 0.51
N ALA A 59 14.58 13.35 -0.75
CA ALA A 59 14.89 11.98 -1.06
C ALA A 59 16.35 11.67 -0.76
N LYS A 60 17.22 12.64 -1.00
CA LYS A 60 18.64 12.49 -0.71
C LYS A 60 18.83 12.28 0.79
N ALA A 61 18.16 13.10 1.57
CA ALA A 61 18.15 12.93 3.03
C ALA A 61 17.61 11.55 3.46
N ASP A 62 16.53 11.09 2.85
CA ASP A 62 16.01 9.77 3.29
C ASP A 62 16.86 8.63 2.80
N LYS A 63 17.49 8.78 1.64
CA LYS A 63 18.52 7.85 1.22
C LYS A 63 19.64 7.75 2.29
N ALA A 64 19.98 8.87 2.92
CA ALA A 64 21.03 8.87 3.97
C ALA A 64 20.50 8.17 5.21
N ARG A 65 19.27 8.51 5.63
CA ARG A 65 18.61 7.83 6.77
C ARG A 65 18.70 6.34 6.53
N TYR A 66 18.29 5.91 5.33
CA TYR A 66 18.21 4.48 5.00
C TYR A 66 19.58 3.78 5.05
N GLU A 67 20.58 4.41 4.45
CA GLU A 67 21.94 3.84 4.47
C GLU A 67 22.47 3.71 5.88
N ARG A 68 22.24 4.75 6.68
CA ARG A 68 22.66 4.75 8.08
C ARG A 68 21.96 3.60 8.84
N GLU A 69 20.63 3.55 8.79
CA GLU A 69 19.90 2.48 9.49
C GLU A 69 20.23 1.10 8.99
N MET A 70 20.56 0.95 7.73
CA MET A 70 20.83 -0.38 7.25
C MET A 70 22.16 -0.87 7.78
N LYS A 71 23.05 0.04 8.18
CA LYS A 71 24.37 -0.39 8.69
C LYS A 71 24.20 -1.39 9.80
N THR A 72 23.27 -1.11 10.69
CA THR A 72 23.14 -1.89 11.89
C THR A 72 22.05 -3.01 11.83
N TYR A 73 21.38 -3.14 10.70
CA TYR A 73 20.36 -4.09 10.60
C TYR A 73 20.93 -5.46 10.32
N ILE A 74 20.51 -6.43 11.13
CA ILE A 74 20.96 -7.81 11.07
C ILE A 74 19.71 -8.68 10.81
N PRO A 75 19.61 -9.30 9.61
CA PRO A 75 18.46 -10.14 9.29
C PRO A 75 18.66 -11.58 9.71
N GLY B 1 18.34 -14.63 -6.36
CA GLY B 1 16.88 -14.45 -6.30
C GLY B 1 16.51 -13.11 -5.65
N SER B 2 15.23 -12.89 -5.55
CA SER B 2 14.66 -11.68 -4.99
C SER B 2 14.00 -12.08 -3.69
N LYS B 3 13.70 -11.07 -2.88
CA LYS B 3 13.05 -11.32 -1.63
C LYS B 3 11.65 -11.93 -1.85
N PRO B 4 11.37 -13.06 -1.24
CA PRO B 4 10.01 -13.58 -1.29
C PRO B 4 8.95 -12.53 -0.90
N ARG B 5 7.81 -12.56 -1.53
CA ARG B 5 6.69 -11.73 -1.08
C ARG B 5 6.33 -12.07 0.35
N GLY B 6 5.87 -11.07 1.10
CA GLY B 6 5.45 -11.27 2.45
C GLY B 6 4.22 -12.15 2.50
N LYS B 7 4.01 -12.64 3.69
CA LYS B 7 2.90 -13.55 3.98
C LYS B 7 1.60 -12.87 3.77
N MET B 8 0.72 -13.53 3.06
CA MET B 8 -0.59 -12.99 2.94
C MET B 8 -1.48 -13.56 4.04
N SER B 9 -2.02 -12.68 4.86
CA SER B 9 -2.87 -13.10 5.95
C SER B 9 -4.26 -13.53 5.51
N SER B 10 -4.99 -14.14 6.43
CA SER B 10 -6.34 -14.63 6.06
C SER B 10 -7.20 -13.47 5.65
N TYR B 11 -7.04 -12.32 6.35
CA TYR B 11 -7.75 -11.13 5.96
C TYR B 11 -7.38 -10.59 4.62
N ALA B 12 -6.07 -10.55 4.29
CA ALA B 12 -5.65 -10.07 2.95
C ALA B 12 -6.36 -10.88 1.83
N PHE B 13 -6.42 -12.23 1.98
CA PHE B 13 -7.16 -13.06 1.01
C PHE B 13 -8.61 -12.68 0.99
N PHE B 14 -9.17 -12.41 2.16
CA PHE B 14 -10.56 -11.98 2.19
C PHE B 14 -10.78 -10.70 1.47
N VAL B 15 -9.86 -9.73 1.63
CA VAL B 15 -10.15 -8.42 1.01
C VAL B 15 -10.25 -8.56 -0.50
N GLN B 16 -9.48 -9.47 -1.08
CA GLN B 16 -9.63 -9.73 -2.53
C GLN B 16 -11.00 -10.21 -2.89
N THR B 17 -11.54 -11.11 -2.09
CA THR B 17 -12.93 -11.55 -2.32
C THR B 17 -13.92 -10.43 -2.08
N CYS B 18 -13.71 -9.57 -1.08
CA CYS B 18 -14.59 -8.40 -0.95
C CYS B 18 -14.63 -7.55 -2.19
N ARG B 19 -13.49 -7.35 -2.79
CA ARG B 19 -13.46 -6.48 -3.97
C ARG B 19 -14.31 -7.16 -5.13
N GLU B 20 -14.16 -8.46 -5.28
CA GLU B 20 -14.95 -9.26 -6.28
C GLU B 20 -16.41 -9.02 -6.06
N GLU B 21 -16.89 -9.18 -4.82
CA GLU B 21 -18.30 -8.95 -4.43
C GLU B 21 -18.72 -7.56 -4.77
N HIS B 22 -17.86 -6.62 -4.41
CA HIS B 22 -18.13 -5.24 -4.65
C HIS B 22 -18.25 -4.90 -6.12
N LYS B 23 -17.41 -5.48 -6.95
CA LYS B 23 -17.42 -5.26 -8.40
C LYS B 23 -18.73 -5.76 -9.05
N LYS B 24 -19.20 -6.92 -8.59
CA LYS B 24 -20.48 -7.44 -9.04
C LYS B 24 -21.62 -6.53 -8.59
N LYS B 25 -21.65 -6.12 -7.33
CA LYS B 25 -22.69 -5.22 -6.85
C LYS B 25 -22.64 -3.80 -7.42
N HIS B 26 -21.45 -3.30 -7.74
CA HIS B 26 -21.28 -1.93 -8.21
C HIS B 26 -20.22 -1.91 -9.29
N PRO B 27 -20.50 -2.59 -10.42
CA PRO B 27 -19.53 -2.64 -11.51
C PRO B 27 -18.96 -1.30 -12.00
N ASP B 28 -19.74 -0.23 -11.90
N ASP B 28 -19.76 -0.24 -11.90
CA ASP B 28 -19.32 1.08 -12.43
CA ASP B 28 -19.38 1.08 -12.41
C ASP B 28 -18.48 1.92 -11.44
C ASP B 28 -18.53 1.92 -11.44
N ALA B 29 -18.72 1.75 -10.15
CA ALA B 29 -18.10 2.62 -9.13
C ALA B 29 -16.57 2.52 -9.04
N SER B 30 -15.92 3.65 -8.86
CA SER B 30 -14.52 3.60 -8.48
C SER B 30 -14.49 3.23 -6.97
N VAL B 31 -13.43 2.56 -6.55
CA VAL B 31 -13.30 2.14 -5.14
C VAL B 31 -13.00 3.36 -4.25
N ASN B 32 -13.79 3.55 -3.22
CA ASN B 32 -13.50 4.57 -2.17
C ASN B 32 -12.68 3.78 -1.14
N PHE B 33 -11.37 3.89 -1.21
CA PHE B 33 -10.49 3.02 -0.37
C PHE B 33 -10.79 3.08 1.11
N SER B 34 -11.03 4.26 1.62
CA SER B 34 -11.36 4.43 3.00
C SER B 34 -12.67 3.68 3.41
N GLU B 35 -13.70 3.90 2.64
CA GLU B 35 -14.96 3.28 2.91
C GLU B 35 -14.98 1.79 2.65
N PHE B 36 -14.29 1.35 1.62
CA PHE B 36 -14.14 -0.04 1.29
C PHE B 36 -13.48 -0.78 2.40
N SER B 37 -12.37 -0.20 2.96
CA SER B 37 -11.68 -0.86 4.03
C SER B 37 -12.59 -1.05 5.25
N LYS B 38 -13.33 -0.01 5.63
CA LYS B 38 -14.26 -0.08 6.75
C LYS B 38 -15.36 -1.13 6.53
N LYS B 39 -15.95 -1.20 5.34
CA LYS B 39 -16.94 -2.23 5.02
C LYS B 39 -16.41 -3.64 5.00
N CYS B 40 -15.17 -3.83 4.49
CA CYS B 40 -14.55 -5.14 4.51
C CYS B 40 -14.35 -5.57 5.90
N SER B 41 -13.84 -4.67 6.72
N SER B 41 -13.88 -4.64 6.72
CA SER B 41 -13.54 -5.05 8.06
CA SER B 41 -13.56 -4.94 8.09
C SER B 41 -14.85 -5.39 8.88
C SER B 41 -14.84 -5.37 8.89
N GLU B 42 -15.91 -4.63 8.68
CA GLU B 42 -17.29 -4.98 9.27
C GLU B 42 -17.76 -6.30 8.85
N ARG B 43 -17.65 -6.62 7.56
CA ARG B 43 -18.02 -7.95 7.03
C ARG B 43 -17.19 -9.07 7.66
N TRP B 44 -15.89 -8.87 7.74
CA TRP B 44 -14.97 -9.87 8.38
C TRP B 44 -15.40 -10.16 9.80
N LYS B 45 -15.76 -9.14 10.53
CA LYS B 45 -16.15 -9.31 11.97
C LYS B 45 -17.35 -10.24 12.14
N THR B 46 -18.31 -10.19 11.22
CA THR B 46 -19.61 -10.90 11.31
C THR B 46 -19.63 -12.23 10.49
N MET B 47 -18.60 -12.45 9.67
CA MET B 47 -18.53 -13.66 8.81
C MET B 47 -18.48 -14.92 9.67
N SER B 48 -19.08 -16.01 9.19
CA SER B 48 -19.20 -17.20 10.04
C SER B 48 -17.86 -17.86 10.15
N ALA B 49 -17.66 -18.65 11.21
CA ALA B 49 -16.43 -19.40 11.44
C ALA B 49 -16.16 -20.37 10.28
N LYS B 50 -17.20 -20.88 9.68
CA LYS B 50 -17.00 -21.79 8.52
C LYS B 50 -16.38 -21.01 7.36
N GLU B 51 -17.05 -19.93 6.98
CA GLU B 51 -16.57 -19.12 5.89
C GLU B 51 -15.14 -18.59 6.12
N LYS B 52 -14.89 -18.11 7.33
CA LYS B 52 -13.52 -17.63 7.74
C LYS B 52 -12.50 -18.70 7.54
N GLY B 53 -12.90 -19.96 7.75
CA GLY B 53 -11.96 -21.08 7.77
C GLY B 53 -11.21 -21.29 6.47
N LYS B 54 -11.91 -21.04 5.39
CA LYS B 54 -11.32 -21.19 4.10
C LYS B 54 -10.19 -20.16 3.89
N PHE B 55 -10.35 -18.97 4.45
CA PHE B 55 -9.33 -17.92 4.34
C PHE B 55 -8.17 -18.24 5.25
N GLU B 56 -8.47 -18.85 6.39
CA GLU B 56 -7.40 -19.25 7.29
C GLU B 56 -6.56 -20.38 6.68
N ASP B 57 -7.18 -21.26 5.88
CA ASP B 57 -6.42 -22.32 5.17
C ASP B 57 -5.59 -21.74 4.01
N MET B 58 -6.09 -20.74 3.28
CA MET B 58 -5.22 -20.05 2.30
C MET B 58 -3.99 -19.43 2.99
N ALA B 59 -4.20 -18.88 4.15
CA ALA B 59 -3.11 -18.23 4.84
C ALA B 59 -2.10 -19.23 5.31
N LYS B 60 -2.56 -20.40 5.77
CA LYS B 60 -1.66 -21.45 6.21
C LYS B 60 -0.80 -21.92 5.08
N ALA B 61 -1.43 -22.17 3.94
CA ALA B 61 -0.67 -22.53 2.75
C ALA B 61 0.36 -21.40 2.40
N ASP B 62 -0.03 -20.13 2.48
CA ASP B 62 0.93 -19.08 2.08
C ASP B 62 2.03 -18.93 3.07
N LYS B 63 1.73 -19.17 4.34
CA LYS B 63 2.77 -19.25 5.31
C LYS B 63 3.83 -20.34 4.90
N ALA B 64 3.37 -21.49 4.40
CA ALA B 64 4.26 -22.61 4.03
C ALA B 64 5.07 -22.18 2.81
N ARG B 65 4.40 -21.55 1.84
CA ARG B 65 5.07 -20.97 0.68
C ARG B 65 6.20 -20.07 1.19
N TYR B 66 5.86 -19.17 2.09
CA TYR B 66 6.81 -18.15 2.55
C TYR B 66 7.97 -18.82 3.24
N GLU B 67 7.69 -19.79 4.11
CA GLU B 67 8.78 -20.44 4.90
C GLU B 67 9.72 -21.17 3.95
N ARG B 68 9.14 -21.80 2.94
CA ARG B 68 9.95 -22.52 1.96
C ARG B 68 10.85 -21.51 1.19
N GLU B 69 10.24 -20.48 0.65
CA GLU B 69 11.01 -19.51 -0.10
C GLU B 69 12.02 -18.80 0.70
N MET B 70 11.76 -18.59 1.98
CA MET B 70 12.73 -17.86 2.78
C MET B 70 13.99 -18.71 3.01
N LYS B 71 13.90 -20.02 2.89
CA LYS B 71 15.11 -20.86 3.05
C LYS B 71 16.24 -20.50 2.09
N THR B 72 15.90 -19.95 0.94
CA THR B 72 16.88 -19.68 -0.08
C THR B 72 17.02 -18.20 -0.37
N TYR B 73 16.50 -17.35 0.51
CA TYR B 73 16.68 -15.92 0.36
C TYR B 73 17.93 -15.41 1.04
N ILE B 74 18.73 -14.66 0.29
CA ILE B 74 19.99 -14.12 0.78
C ILE B 74 19.87 -12.60 0.67
N PRO B 75 19.81 -11.89 1.82
CA PRO B 75 19.76 -10.42 1.80
C PRO B 75 21.15 -9.79 1.67
MG MG G . 3.84 -2.12 1.08
#